data_6Q0Y
#
_entry.id   6Q0Y
#
_cell.length_a   138.647
_cell.length_b   138.647
_cell.length_c   138.647
_cell.angle_alpha   90.000
_cell.angle_beta   90.000
_cell.angle_gamma   90.000
#
_symmetry.space_group_name_H-M   'I 2 3'
#
loop_
_entity.id
_entity.type
_entity.pdbx_description
1 polymer 'UDP-N-acetylglucosamine 1-carboxyvinyltransferase'
2 non-polymer 1,2-ETHANEDIOL
3 non-polymer URIDINE-DIPHOSPHATE-N-ACETYLGLUCOSAMINE
4 water water
#
_entity_poly.entity_id   1
_entity_poly.type   'polypeptide(L)'
_entity_poly.pdbx_seq_one_letter_code
;GGGHMAKIIVKKSNPLKGSVKIDGAKNAVLPIIAATLLANGKSTLNGVPNLRDVHVISDLLRHVGAEVEYKENTLTVDAS
NIKTCEAPYELVRKMRASFLVMGPLLARFNSTKISMPGGSAIGTRPIDLHLKGFKALGAKIEMDHGFVEAATEKLVGNKL
YLDFPSVGATENIMMAASLAEGTTIIENAAEEPEIVDLANFLNEMGADVKGAGTNTIKIKGVKELKGAEHNVIPDRIEAA
TYMVAAAMTKGDITVENVLMEHLKPVVAKLREAGCEITEMDNSVRVVGPKVLKPIDIKTLPHPGFPTDVQAQFMAMLTVA
NGTGVVIETVFENRFMHVAEFNRMGANIKIDGRSAVVNGVDELHGAAVNATDLRAGAALILCGLIAEGETQIGEIYHIQR
GYVDIDKKITALGGQIEIVED
;
_entity_poly.pdbx_strand_id   A
#
# COMPACT_ATOMS: atom_id res chain seq x y z
N MET A 5 -6.81 24.52 10.33
CA MET A 5 -7.38 23.46 9.48
C MET A 5 -7.54 22.18 10.32
N ALA A 6 -7.90 21.08 9.67
CA ALA A 6 -8.48 19.90 10.32
C ALA A 6 -7.42 19.21 11.22
N LYS A 7 -7.90 18.65 12.31
CA LYS A 7 -7.03 17.94 13.27
C LYS A 7 -7.68 16.65 13.68
N ILE A 8 -6.84 15.69 14.10
CA ILE A 8 -7.35 14.49 14.82
C ILE A 8 -6.91 14.64 16.27
N ILE A 9 -7.87 14.58 17.18
CA ILE A 9 -7.60 14.72 18.63
C ILE A 9 -7.75 13.34 19.26
N VAL A 10 -6.66 12.89 19.83
CA VAL A 10 -6.62 11.56 20.48
C VAL A 10 -6.33 11.82 21.94
N LYS A 11 -7.05 11.13 22.82
CA LYS A 11 -6.73 11.18 24.26
C LYS A 11 -6.26 9.82 24.74
N LYS A 12 -5.49 9.85 25.83
CA LYS A 12 -5.15 8.65 26.60
C LYS A 12 -6.40 7.79 26.69
N SER A 13 -6.33 6.56 26.22
CA SER A 13 -7.53 5.74 26.02
C SER A 13 -7.49 4.49 26.90
N ASN A 14 -8.66 3.93 27.05
CA ASN A 14 -8.83 2.56 27.59
C ASN A 14 -8.13 1.55 26.71
N PRO A 15 -7.78 0.36 27.24
CA PRO A 15 -7.29 -0.71 26.40
C PRO A 15 -8.32 -0.98 25.30
N LEU A 16 -7.86 -1.10 24.06
CA LEU A 16 -8.82 -1.35 22.95
C LEU A 16 -9.35 -2.76 23.07
N LYS A 17 -10.67 -2.92 22.96
CA LYS A 17 -11.30 -4.25 23.06
C LYS A 17 -12.49 -4.36 22.12
N GLY A 18 -12.65 -5.53 21.51
CA GLY A 18 -13.74 -5.76 20.57
C GLY A 18 -13.25 -6.21 19.21
N SER A 19 -14.10 -6.02 18.21
CA SER A 19 -13.85 -6.54 16.85
C SER A 19 -13.80 -5.36 15.89
N VAL A 20 -12.94 -5.49 14.90
CA VAL A 20 -12.86 -4.44 13.88
C VAL A 20 -12.84 -5.15 12.54
N LYS A 21 -13.69 -4.70 11.65
CA LYS A 21 -13.73 -5.24 10.27
C LYS A 21 -12.74 -4.47 9.41
N ILE A 22 -11.92 -5.20 8.68
CA ILE A 22 -10.88 -4.60 7.82
C ILE A 22 -11.44 -4.35 6.41
N ASP A 23 -11.07 -3.23 5.82
CA ASP A 23 -11.54 -2.90 4.45
C ASP A 23 -10.67 -3.58 3.41
N GLY A 24 -11.09 -3.46 2.15
CA GLY A 24 -10.29 -3.96 1.02
C GLY A 24 -8.98 -3.20 0.91
N ALA A 25 -7.99 -3.88 0.34
CA ALA A 25 -6.61 -3.38 0.34
C ALA A 25 -6.49 -2.21 -0.62
N LYS A 26 -6.03 -1.08 -0.11
CA LYS A 26 -5.66 0.06 -0.96
C LYS A 26 -4.63 -0.41 -2.00
N ASN A 27 -3.62 -1.14 -1.57
CA ASN A 27 -2.52 -1.41 -2.51
C ASN A 27 -2.86 -2.60 -3.41
N ALA A 28 -3.91 -3.36 -3.18
CA ALA A 28 -4.36 -4.32 -4.22
C ALA A 28 -5.23 -3.58 -5.23
N VAL A 29 -6.11 -2.75 -4.72
CA VAL A 29 -7.19 -2.20 -5.59
C VAL A 29 -6.60 -1.21 -6.58
N LEU A 30 -5.53 -0.47 -6.23
CA LEU A 30 -5.01 0.53 -7.16
C LEU A 30 -4.45 -0.15 -8.40
N PRO A 31 -3.56 -1.17 -8.33
CA PRO A 31 -3.13 -1.79 -9.60
C PRO A 31 -4.27 -2.54 -10.36
N ILE A 32 -5.18 -3.12 -9.62
CA ILE A 32 -6.32 -3.87 -10.21
C ILE A 32 -7.25 -2.89 -10.94
N ILE A 33 -7.40 -1.68 -10.41
CA ILE A 33 -8.20 -0.66 -11.16
C ILE A 33 -7.42 -0.30 -12.43
N ALA A 34 -6.10 -0.08 -12.36
CA ALA A 34 -5.31 0.18 -13.59
C ALA A 34 -5.53 -0.98 -14.58
N ALA A 35 -5.54 -2.21 -14.07
CA ALA A 35 -5.65 -3.44 -14.92
C ALA A 35 -6.97 -3.46 -15.69
N THR A 36 -8.04 -2.85 -15.17
CA THR A 36 -9.33 -2.88 -15.91
C THR A 36 -9.11 -2.23 -17.28
N LEU A 37 -8.16 -1.33 -17.44
CA LEU A 37 -7.92 -0.66 -18.75
C LEU A 37 -7.49 -1.68 -19.83
N LEU A 38 -7.04 -2.85 -19.45
CA LEU A 38 -6.55 -3.84 -20.42
C LEU A 38 -7.71 -4.47 -21.22
N ALA A 39 -8.91 -4.44 -20.67
CA ALA A 39 -10.06 -5.24 -21.17
C ALA A 39 -11.02 -4.41 -22.02
N ASN A 40 -11.45 -4.99 -23.13
CA ASN A 40 -12.47 -4.36 -24.01
C ASN A 40 -13.80 -4.89 -23.51
N GLY A 41 -14.24 -4.38 -22.36
CA GLY A 41 -15.53 -4.72 -21.74
C GLY A 41 -15.61 -4.18 -20.33
N LYS A 42 -16.55 -4.71 -19.56
CA LYS A 42 -16.88 -4.10 -18.24
C LYS A 42 -16.39 -4.99 -17.11
N SER A 43 -15.58 -4.43 -16.21
CA SER A 43 -15.13 -5.19 -15.03
C SER A 43 -15.93 -4.74 -13.81
N THR A 44 -16.07 -5.63 -12.85
CA THR A 44 -16.75 -5.34 -11.57
C THR A 44 -15.83 -5.70 -10.40
N LEU A 45 -15.39 -4.68 -9.67
CA LEU A 45 -14.49 -4.89 -8.51
C LEU A 45 -15.30 -4.77 -7.23
N ASN A 46 -15.32 -5.81 -6.41
CA ASN A 46 -16.00 -5.79 -5.11
C ASN A 46 -14.95 -5.69 -4.00
N GLY A 47 -15.41 -5.15 -2.88
CA GLY A 47 -14.55 -4.92 -1.69
C GLY A 47 -13.59 -3.76 -1.91
N VAL A 48 -14.05 -2.75 -2.64
CA VAL A 48 -13.21 -1.55 -2.91
C VAL A 48 -13.36 -0.62 -1.73
N PRO A 49 -12.24 -0.20 -1.09
CA PRO A 49 -12.33 0.71 0.04
C PRO A 49 -12.64 2.14 -0.42
N ASN A 50 -13.44 2.80 0.39
CA ASN A 50 -13.94 4.14 0.03
C ASN A 50 -12.87 5.16 0.42
N LEU A 51 -11.79 5.20 -0.34
CA LEU A 51 -10.63 6.08 -0.08
C LEU A 51 -10.47 7.04 -1.21
N ARG A 52 -9.94 8.23 -0.89
CA ARG A 52 -9.61 9.30 -1.84
C ARG A 52 -8.65 8.75 -2.91
N ASP A 53 -7.67 7.92 -2.57
CA ASP A 53 -6.72 7.47 -3.63
C ASP A 53 -7.47 6.60 -4.66
N VAL A 54 -8.44 5.82 -4.24
CA VAL A 54 -9.34 5.08 -5.16
C VAL A 54 -10.07 6.08 -6.08
N HIS A 55 -10.54 7.18 -5.53
CA HIS A 55 -11.33 8.14 -6.35
C HIS A 55 -10.40 8.90 -7.29
N VAL A 56 -9.12 9.08 -6.92
CA VAL A 56 -8.16 9.75 -7.83
C VAL A 56 -7.82 8.86 -9.01
N ILE A 57 -7.50 7.58 -8.78
CA ILE A 57 -7.18 6.71 -9.93
C ILE A 57 -8.45 6.52 -10.80
N SER A 58 -9.61 6.53 -10.19
CA SER A 58 -10.91 6.49 -10.90
C SER A 58 -11.01 7.69 -11.88
N ASP A 59 -10.60 8.86 -11.42
CA ASP A 59 -10.66 10.08 -12.23
C ASP A 59 -9.58 10.01 -13.30
N LEU A 60 -8.47 9.32 -13.05
CA LEU A 60 -7.51 9.15 -14.16
C LEU A 60 -8.09 8.23 -15.24
N LEU A 61 -8.79 7.19 -14.85
CA LEU A 61 -9.44 6.30 -15.83
C LEU A 61 -10.48 7.10 -16.63
N ARG A 62 -11.20 7.98 -15.96
CA ARG A 62 -12.23 8.82 -16.66
C ARG A 62 -11.54 9.72 -17.68
N HIS A 63 -10.39 10.27 -17.28
CA HIS A 63 -9.58 11.15 -18.14
C HIS A 63 -9.17 10.43 -19.42
N VAL A 64 -8.86 9.14 -19.38
CA VAL A 64 -8.40 8.43 -20.61
C VAL A 64 -9.61 7.86 -21.34
N GLY A 65 -10.78 7.90 -20.74
CA GLY A 65 -12.04 7.67 -21.48
C GLY A 65 -12.75 6.41 -21.05
N ALA A 66 -12.37 5.79 -19.93
CA ALA A 66 -13.12 4.63 -19.42
C ALA A 66 -14.41 5.09 -18.76
N GLU A 67 -15.42 4.23 -18.73
CA GLU A 67 -16.64 4.56 -17.95
C GLU A 67 -16.51 3.98 -16.54
N VAL A 68 -16.56 4.83 -15.51
CA VAL A 68 -16.36 4.39 -14.11
C VAL A 68 -17.56 4.72 -13.22
N GLU A 69 -18.00 3.75 -12.43
CA GLU A 69 -19.04 4.03 -11.43
C GLU A 69 -18.69 3.36 -10.12
N TYR A 70 -18.89 4.08 -9.03
CA TYR A 70 -18.55 3.58 -7.69
C TYR A 70 -19.83 3.60 -6.90
N LYS A 71 -20.22 2.48 -6.31
CA LYS A 71 -21.15 2.58 -5.19
C LYS A 71 -20.98 1.44 -4.22
N GLU A 72 -21.11 1.78 -2.95
CA GLU A 72 -21.17 0.82 -1.84
C GLU A 72 -20.07 -0.21 -2.02
N ASN A 73 -18.82 0.21 -2.12
CA ASN A 73 -17.66 -0.72 -2.17
C ASN A 73 -17.61 -1.55 -3.44
N THR A 74 -18.38 -1.20 -4.46
CA THR A 74 -18.22 -1.79 -5.80
C THR A 74 -17.85 -0.70 -6.77
N LEU A 75 -16.87 -1.01 -7.59
CA LEU A 75 -16.46 -0.13 -8.69
C LEU A 75 -16.62 -0.89 -10.00
N THR A 76 -17.27 -0.30 -10.98
CA THR A 76 -17.33 -0.92 -12.31
C THR A 76 -16.57 -0.02 -13.25
N VAL A 77 -15.88 -0.64 -14.17
CA VAL A 77 -15.11 0.05 -15.22
C VAL A 77 -15.45 -0.58 -16.56
N ASP A 78 -15.84 0.23 -17.53
CA ASP A 78 -15.99 -0.19 -18.95
C ASP A 78 -14.91 0.51 -19.75
N ALA A 79 -13.88 -0.24 -20.13
CA ALA A 79 -12.70 0.29 -20.82
C ALA A 79 -12.82 0.03 -22.32
N SER A 80 -14.03 -0.31 -22.77
CA SER A 80 -14.28 -0.73 -24.18
C SER A 80 -13.80 0.34 -25.14
N ASN A 81 -14.05 1.59 -24.79
CA ASN A 81 -13.81 2.71 -25.72
C ASN A 81 -12.91 3.76 -25.07
N ILE A 82 -11.70 3.34 -24.66
CA ILE A 82 -10.61 4.28 -24.28
CA ILE A 82 -10.62 4.29 -24.28
C ILE A 82 -10.30 5.17 -25.48
N LYS A 83 -10.03 6.44 -25.22
CA LYS A 83 -9.73 7.42 -26.27
C LYS A 83 -8.24 7.78 -26.26
N THR A 84 -7.69 8.13 -25.09
CA THR A 84 -6.38 8.82 -24.97
CA THR A 84 -6.37 8.79 -25.01
C THR A 84 -5.47 8.01 -24.06
N CYS A 85 -4.16 8.23 -24.15
CA CYS A 85 -3.17 7.37 -23.44
CA CYS A 85 -3.16 7.37 -23.42
C CYS A 85 -2.14 8.25 -22.70
N GLU A 86 -2.56 9.46 -22.32
CA GLU A 86 -1.72 10.42 -21.56
C GLU A 86 -2.23 10.56 -20.10
N ALA A 87 -1.33 10.45 -19.10
CA ALA A 87 -1.59 10.72 -17.67
C ALA A 87 -0.97 12.07 -17.30
N PRO A 88 -1.78 13.13 -17.13
CA PRO A 88 -1.24 14.47 -16.96
C PRO A 88 -0.57 14.70 -15.59
N TYR A 89 0.27 15.73 -15.56
CA TYR A 89 1.10 16.06 -14.38
C TYR A 89 0.22 16.13 -13.12
N GLU A 90 -0.94 16.80 -13.15
CA GLU A 90 -1.74 17.01 -11.91
C GLU A 90 -2.09 15.67 -11.24
N LEU A 91 -2.47 14.66 -12.02
CA LEU A 91 -3.00 13.41 -11.43
C LEU A 91 -1.88 12.56 -10.86
N VAL A 92 -0.73 12.54 -11.53
CA VAL A 92 0.41 11.75 -11.00
C VAL A 92 0.95 12.46 -9.76
N ARG A 93 1.04 13.78 -9.79
CA ARG A 93 1.47 14.56 -8.60
C ARG A 93 0.51 14.25 -7.45
N LYS A 94 -0.79 14.11 -7.69
CA LYS A 94 -1.74 13.87 -6.57
C LYS A 94 -1.51 12.49 -5.97
N MET A 95 -1.11 11.52 -6.79
CA MET A 95 -1.08 10.12 -6.31
C MET A 95 -0.14 9.32 -7.21
N ARG A 96 1.04 8.93 -6.76
CA ARG A 96 2.05 8.42 -7.71
C ARG A 96 1.64 7.04 -8.24
N ALA A 97 0.77 6.32 -7.55
CA ALA A 97 0.27 5.02 -8.05
C ALA A 97 -0.46 5.19 -9.41
N SER A 98 -0.85 6.41 -9.77
CA SER A 98 -1.31 6.74 -11.14
C SER A 98 -0.36 6.15 -12.18
N PHE A 99 0.91 6.07 -11.87
CA PHE A 99 1.93 5.58 -12.82
C PHE A 99 1.58 4.16 -13.30
N LEU A 100 0.80 3.40 -12.53
CA LEU A 100 0.40 2.00 -12.85
C LEU A 100 -0.51 1.91 -14.08
N VAL A 101 -1.00 3.02 -14.63
CA VAL A 101 -1.77 2.91 -15.90
C VAL A 101 -0.80 2.79 -17.09
N MET A 102 0.49 3.02 -16.88
CA MET A 102 1.42 3.06 -18.03
C MET A 102 1.47 1.68 -18.74
N GLY A 103 1.53 0.60 -17.98
CA GLY A 103 1.63 -0.74 -18.58
C GLY A 103 0.38 -1.08 -19.39
N PRO A 104 -0.84 -0.94 -18.82
CA PRO A 104 -2.06 -1.26 -19.55
C PRO A 104 -2.22 -0.39 -20.80
N LEU A 105 -1.86 0.88 -20.73
CA LEU A 105 -2.13 1.79 -21.86
C LEU A 105 -1.17 1.44 -22.99
N LEU A 106 0.06 1.13 -22.62
CA LEU A 106 1.10 0.70 -23.59
C LEU A 106 0.64 -0.60 -24.24
N ALA A 107 0.13 -1.52 -23.44
CA ALA A 107 -0.39 -2.82 -23.96
C ALA A 107 -1.59 -2.60 -24.89
N ARG A 108 -2.52 -1.71 -24.56
CA ARG A 108 -3.77 -1.59 -25.36
C ARG A 108 -3.52 -0.77 -26.63
N PHE A 109 -2.65 0.23 -26.59
CA PHE A 109 -2.60 1.15 -27.76
CA PHE A 109 -2.54 1.33 -27.61
C PHE A 109 -1.18 1.28 -28.32
N ASN A 110 -0.20 0.57 -27.76
CA ASN A 110 1.18 0.54 -28.29
C ASN A 110 1.90 1.87 -28.09
N SER A 111 1.28 2.79 -27.36
CA SER A 111 1.84 4.13 -27.06
C SER A 111 1.22 4.64 -25.76
N THR A 112 2.00 5.31 -24.94
CA THR A 112 1.47 6.02 -23.76
C THR A 112 2.45 7.11 -23.36
N LYS A 113 1.94 8.14 -22.72
CA LYS A 113 2.74 9.29 -22.25
C LYS A 113 2.29 9.65 -20.83
N ILE A 114 3.18 9.49 -19.87
CA ILE A 114 2.80 9.49 -18.43
C ILE A 114 3.72 10.47 -17.71
N SER A 115 3.17 11.40 -16.94
CA SER A 115 4.02 12.31 -16.11
C SER A 115 4.93 11.51 -15.17
N MET A 116 6.21 11.85 -15.11
CA MET A 116 7.16 11.12 -14.25
C MET A 116 6.95 11.54 -12.81
N PRO A 117 6.67 10.60 -11.87
CA PRO A 117 6.53 10.99 -10.47
C PRO A 117 7.71 11.78 -9.91
N GLY A 118 7.43 12.83 -9.17
CA GLY A 118 8.46 13.64 -8.48
C GLY A 118 8.67 13.19 -7.05
N GLY A 119 8.98 14.14 -6.16
CA GLY A 119 9.34 13.89 -4.77
C GLY A 119 8.24 13.18 -4.06
N SER A 120 8.63 12.36 -3.12
CA SER A 120 7.64 11.64 -2.32
C SER A 120 8.02 11.87 -0.87
N ALA A 121 7.02 11.92 0.00
CA ALA A 121 7.27 12.07 1.46
C ALA A 121 8.27 11.02 1.94
N ILE A 122 8.33 9.82 1.38
CA ILE A 122 9.13 8.78 2.10
C ILE A 122 10.41 8.44 1.35
N GLY A 123 10.70 9.16 0.30
CA GLY A 123 12.01 8.99 -0.34
C GLY A 123 11.98 9.35 -1.79
N THR A 124 13.18 9.34 -2.35
CA THR A 124 13.45 9.42 -3.81
C THR A 124 13.12 8.05 -4.37
N ARG A 125 12.14 7.99 -5.24
CA ARG A 125 11.61 6.70 -5.70
C ARG A 125 11.59 6.73 -7.23
N PRO A 126 12.67 6.24 -7.86
CA PRO A 126 12.74 6.21 -9.32
C PRO A 126 11.78 5.17 -9.88
N ILE A 127 11.47 5.28 -11.17
CA ILE A 127 10.63 4.25 -11.85
C ILE A 127 11.44 3.62 -12.98
N ASP A 128 12.77 3.64 -12.86
CA ASP A 128 13.72 3.06 -13.86
C ASP A 128 13.37 1.59 -14.14
N LEU A 129 12.97 0.80 -13.17
CA LEU A 129 12.75 -0.65 -13.40
C LEU A 129 11.47 -0.85 -14.22
N HIS A 130 10.50 0.05 -14.09
CA HIS A 130 9.28 -0.06 -14.91
C HIS A 130 9.69 0.07 -16.38
N LEU A 131 10.53 1.06 -16.63
CA LEU A 131 10.96 1.40 -18.01
C LEU A 131 11.87 0.27 -18.50
N LYS A 132 12.68 -0.29 -17.60
CA LYS A 132 13.57 -1.39 -18.04
C LYS A 132 12.71 -2.51 -18.61
N GLY A 133 11.62 -2.84 -17.93
CA GLY A 133 10.73 -3.92 -18.36
C GLY A 133 10.06 -3.54 -19.66
N PHE A 134 9.58 -2.29 -19.78
CA PHE A 134 8.87 -1.89 -21.01
C PHE A 134 9.86 -1.99 -22.19
N LYS A 135 11.10 -1.51 -22.00
CA LYS A 135 12.13 -1.63 -23.06
C LYS A 135 12.39 -3.10 -23.43
N ALA A 136 12.40 -3.98 -22.45
CA ALA A 136 12.66 -5.42 -22.67
C ALA A 136 11.56 -5.99 -23.56
N LEU A 137 10.35 -5.45 -23.46
CA LEU A 137 9.20 -5.92 -24.25
C LEU A 137 9.18 -5.22 -25.62
N GLY A 138 10.15 -4.37 -25.92
CA GLY A 138 10.26 -3.78 -27.27
C GLY A 138 9.74 -2.36 -27.36
N ALA A 139 9.47 -1.68 -26.23
CA ALA A 139 9.05 -0.27 -26.25
C ALA A 139 10.28 0.61 -26.33
N LYS A 140 10.14 1.69 -27.07
CA LYS A 140 11.17 2.75 -27.11
C LYS A 140 10.73 3.81 -26.12
N ILE A 141 11.67 4.31 -25.35
CA ILE A 141 11.33 5.21 -24.22
C ILE A 141 11.85 6.58 -24.54
N GLU A 142 11.11 7.65 -24.32
CA GLU A 142 11.77 8.97 -24.36
C GLU A 142 11.09 9.93 -23.41
N MET A 143 11.86 10.91 -22.98
CA MET A 143 11.44 11.91 -21.99
C MET A 143 11.06 13.19 -22.73
N ASP A 144 9.90 13.73 -22.40
CA ASP A 144 9.47 15.03 -22.95
C ASP A 144 9.00 15.90 -21.78
N HIS A 145 9.87 16.80 -21.30
CA HIS A 145 9.42 17.90 -20.39
C HIS A 145 8.63 17.33 -19.21
N GLY A 146 9.20 16.34 -18.53
CA GLY A 146 8.61 15.76 -17.31
C GLY A 146 7.76 14.53 -17.62
N PHE A 147 7.52 14.23 -18.90
CA PHE A 147 6.72 13.04 -19.28
C PHE A 147 7.64 11.96 -19.81
N VAL A 148 7.25 10.74 -19.50
CA VAL A 148 7.93 9.58 -20.09
C VAL A 148 6.95 8.98 -21.10
N GLU A 149 7.50 8.79 -22.29
CA GLU A 149 6.74 8.26 -23.44
C GLU A 149 7.27 6.86 -23.77
N ALA A 150 6.37 5.90 -23.90
CA ALA A 150 6.75 4.53 -24.30
C ALA A 150 5.90 4.13 -25.51
N ALA A 151 6.54 3.61 -26.55
CA ALA A 151 5.85 3.30 -27.82
C ALA A 151 6.56 2.15 -28.54
N THR A 152 5.77 1.32 -29.19
CA THR A 152 6.26 0.15 -29.93
C THR A 152 5.31 -0.13 -31.08
N GLU A 153 5.77 -0.76 -32.15
CA GLU A 153 4.87 -1.36 -33.17
C GLU A 153 4.23 -2.62 -32.60
N LYS A 154 4.89 -3.32 -31.69
CA LYS A 154 4.17 -4.36 -30.92
C LYS A 154 5.00 -4.89 -29.76
N LEU A 155 4.32 -5.16 -28.67
CA LEU A 155 5.01 -5.74 -27.52
C LEU A 155 5.30 -7.20 -27.81
N VAL A 156 6.51 -7.58 -27.48
CA VAL A 156 6.99 -8.95 -27.64
C VAL A 156 7.53 -9.43 -26.30
N GLY A 157 7.01 -10.55 -25.83
CA GLY A 157 7.43 -11.20 -24.58
C GLY A 157 8.93 -11.41 -24.54
N ASN A 158 9.53 -11.20 -23.37
CA ASN A 158 10.97 -11.38 -23.23
C ASN A 158 11.29 -11.70 -21.77
N LYS A 159 12.46 -12.26 -21.53
CA LYS A 159 12.95 -12.42 -20.15
C LYS A 159 13.51 -11.10 -19.68
N LEU A 160 13.24 -10.76 -18.44
CA LEU A 160 13.87 -9.56 -17.85
C LEU A 160 14.03 -9.77 -16.36
N TYR A 161 15.08 -9.13 -15.84
CA TYR A 161 15.53 -9.25 -14.45
C TYR A 161 15.30 -7.92 -13.75
N LEU A 162 14.62 -7.96 -12.60
CA LEU A 162 14.47 -6.77 -11.73
C LEU A 162 15.63 -6.66 -10.74
N ASP A 163 16.37 -5.57 -10.81
CA ASP A 163 17.52 -5.34 -9.91
C ASP A 163 17.01 -5.31 -8.47
N PHE A 164 15.76 -4.90 -8.26
CA PHE A 164 15.13 -4.93 -6.92
C PHE A 164 13.73 -5.46 -7.15
N PRO A 165 13.17 -6.29 -6.25
CA PRO A 165 11.84 -6.88 -6.42
C PRO A 165 10.79 -5.80 -6.17
N SER A 166 10.78 -4.80 -7.06
CA SER A 166 9.84 -3.65 -7.01
C SER A 166 8.41 -4.16 -7.17
N VAL A 167 7.56 -3.77 -6.22
CA VAL A 167 6.11 -4.04 -6.29
C VAL A 167 5.53 -3.40 -7.57
N GLY A 168 5.71 -2.10 -7.68
CA GLY A 168 5.13 -1.36 -8.82
C GLY A 168 5.66 -1.85 -10.16
N ALA A 169 6.95 -2.12 -10.27
CA ALA A 169 7.54 -2.52 -11.56
C ALA A 169 7.01 -3.91 -11.92
N THR A 170 6.85 -4.75 -10.93
CA THR A 170 6.32 -6.12 -11.16
C THR A 170 4.88 -5.96 -11.70
N GLU A 171 4.08 -5.10 -11.08
CA GLU A 171 2.68 -4.89 -11.51
C GLU A 171 2.65 -4.33 -12.92
N ASN A 172 3.39 -3.27 -13.18
CA ASN A 172 3.32 -2.52 -14.46
C ASN A 172 3.73 -3.47 -15.58
N ILE A 173 4.75 -4.28 -15.34
CA ILE A 173 5.34 -5.13 -16.41
C ILE A 173 4.41 -6.34 -16.62
N MET A 174 3.86 -6.91 -15.56
CA MET A 174 2.88 -8.00 -15.69
C MET A 174 1.70 -7.54 -16.54
N MET A 175 1.21 -6.32 -16.31
CA MET A 175 0.03 -5.85 -17.06
C MET A 175 0.41 -5.58 -18.52
N ALA A 176 1.60 -5.04 -18.78
CA ALA A 176 1.99 -4.82 -20.18
C ALA A 176 2.18 -6.17 -20.86
N ALA A 177 2.77 -7.13 -20.16
CA ALA A 177 3.07 -8.46 -20.73
C ALA A 177 1.78 -9.23 -21.08
N SER A 178 0.67 -8.91 -20.44
CA SER A 178 -0.56 -9.74 -20.55
C SER A 178 -1.08 -9.72 -21.99
N LEU A 179 -0.76 -8.69 -22.76
CA LEU A 179 -1.27 -8.57 -24.16
C LEU A 179 -0.12 -8.63 -25.13
N ALA A 180 1.08 -8.99 -24.68
CA ALA A 180 2.25 -8.98 -25.58
C ALA A 180 2.20 -10.26 -26.43
N GLU A 181 3.00 -10.29 -27.47
CA GLU A 181 3.11 -11.49 -28.31
C GLU A 181 4.16 -12.40 -27.69
N GLY A 182 3.77 -13.58 -27.22
CA GLY A 182 4.73 -14.55 -26.67
C GLY A 182 4.83 -14.49 -25.15
N THR A 183 5.93 -15.02 -24.63
CA THR A 183 6.06 -15.29 -23.18
C THR A 183 7.05 -14.29 -22.56
N THR A 184 6.62 -13.68 -21.47
CA THR A 184 7.46 -12.78 -20.66
C THR A 184 7.81 -13.54 -19.41
N ILE A 185 9.06 -13.44 -18.98
CA ILE A 185 9.45 -13.99 -17.67
C ILE A 185 10.01 -12.84 -16.83
N ILE A 186 9.37 -12.58 -15.68
CA ILE A 186 9.87 -11.59 -14.70
C ILE A 186 10.69 -12.33 -13.64
N GLU A 187 11.98 -12.08 -13.64
CA GLU A 187 12.92 -12.71 -12.69
C GLU A 187 13.17 -11.73 -11.54
N ASN A 188 13.17 -12.27 -10.34
CA ASN A 188 13.30 -11.50 -9.09
C ASN A 188 12.07 -10.59 -8.95
N ALA A 189 10.90 -11.18 -9.18
CA ALA A 189 9.60 -10.51 -9.02
C ALA A 189 9.32 -10.20 -7.55
N ALA A 190 8.57 -9.14 -7.30
CA ALA A 190 7.92 -8.90 -5.99
C ALA A 190 7.02 -10.08 -5.66
N GLU A 191 7.07 -10.53 -4.41
CA GLU A 191 6.24 -11.67 -3.94
C GLU A 191 5.07 -11.17 -3.10
N GLU A 192 4.89 -9.86 -2.97
CA GLU A 192 3.79 -9.27 -2.17
C GLU A 192 2.44 -9.87 -2.55
N PRO A 193 1.55 -10.03 -1.54
CA PRO A 193 0.19 -10.54 -1.78
C PRO A 193 -0.62 -9.76 -2.82
N GLU A 194 -0.35 -8.47 -3.01
CA GLU A 194 -1.11 -7.67 -3.98
C GLU A 194 -0.72 -8.11 -5.40
N ILE A 195 0.51 -8.63 -5.57
CA ILE A 195 0.98 -9.14 -6.90
C ILE A 195 0.10 -10.36 -7.26
N VAL A 196 -0.18 -11.22 -6.30
CA VAL A 196 -1.02 -12.44 -6.46
C VAL A 196 -2.46 -12.01 -6.75
N ASP A 197 -3.00 -11.05 -5.99
CA ASP A 197 -4.35 -10.50 -6.30
C ASP A 197 -4.44 -9.96 -7.73
N LEU A 198 -3.48 -9.18 -8.19
CA LEU A 198 -3.48 -8.62 -9.54
C LEU A 198 -3.44 -9.76 -10.56
N ALA A 199 -2.54 -10.71 -10.36
CA ALA A 199 -2.40 -11.86 -11.27
C ALA A 199 -3.72 -12.62 -11.35
N ASN A 200 -4.37 -12.81 -10.22
CA ASN A 200 -5.63 -13.58 -10.20
C ASN A 200 -6.64 -12.82 -11.03
N PHE A 201 -6.67 -11.49 -10.90
CA PHE A 201 -7.61 -10.66 -11.67
C PHE A 201 -7.29 -10.75 -13.17
N LEU A 202 -6.02 -10.67 -13.53
CA LEU A 202 -5.62 -10.76 -14.95
C LEU A 202 -6.12 -12.10 -15.51
N ASN A 203 -5.93 -13.16 -14.75
CA ASN A 203 -6.35 -14.52 -15.19
C ASN A 203 -7.88 -14.58 -15.28
N GLU A 204 -8.62 -13.98 -14.35
CA GLU A 204 -10.09 -13.91 -14.47
C GLU A 204 -10.48 -13.21 -15.77
N MET A 205 -9.71 -12.25 -16.24
CA MET A 205 -10.02 -11.52 -17.48
C MET A 205 -9.61 -12.33 -18.72
N GLY A 206 -8.89 -13.45 -18.56
CA GLY A 206 -8.51 -14.30 -19.72
C GLY A 206 -7.01 -14.37 -19.91
N ALA A 207 -6.21 -13.84 -18.98
CA ALA A 207 -4.75 -13.78 -19.18
C ALA A 207 -4.16 -15.14 -18.86
N ASP A 208 -2.84 -15.24 -19.00
CA ASP A 208 -2.10 -16.46 -18.62
C ASP A 208 -0.87 -16.07 -17.81
N VAL A 209 -1.08 -15.91 -16.51
CA VAL A 209 -0.03 -15.45 -15.57
C VAL A 209 0.20 -16.55 -14.56
N LYS A 210 1.43 -17.05 -14.48
CA LYS A 210 1.77 -18.12 -13.49
C LYS A 210 2.99 -17.74 -12.68
N GLY A 211 2.99 -18.14 -11.42
CA GLY A 211 4.13 -17.95 -10.51
C GLY A 211 3.99 -16.72 -9.65
N ALA A 212 2.88 -15.99 -9.76
CA ALA A 212 2.69 -14.83 -8.86
C ALA A 212 2.76 -15.32 -7.41
N GLY A 213 3.53 -14.61 -6.63
CA GLY A 213 3.77 -14.97 -5.22
C GLY A 213 5.06 -15.74 -5.09
N THR A 214 5.69 -16.05 -6.22
CA THR A 214 7.02 -16.71 -6.25
C THR A 214 8.02 -15.70 -6.81
N ASN A 215 9.28 -16.08 -6.86
CA ASN A 215 10.36 -15.14 -7.27
C ASN A 215 10.41 -15.02 -8.80
N THR A 216 9.59 -15.78 -9.53
CA THR A 216 9.58 -15.75 -11.01
C THR A 216 8.13 -15.82 -11.53
N ILE A 217 7.80 -14.88 -12.41
CA ILE A 217 6.44 -14.80 -12.98
C ILE A 217 6.57 -15.02 -14.48
N LYS A 218 5.77 -15.93 -15.01
CA LYS A 218 5.70 -16.17 -16.47
C LYS A 218 4.35 -15.69 -16.98
N ILE A 219 4.40 -14.80 -17.96
CA ILE A 219 3.14 -14.33 -18.60
C ILE A 219 3.15 -14.77 -20.07
N LYS A 220 2.14 -15.54 -20.47
CA LYS A 220 1.94 -15.85 -21.91
C LYS A 220 0.85 -14.92 -22.44
N GLY A 221 1.25 -14.02 -23.31
CA GLY A 221 0.40 -12.95 -23.84
C GLY A 221 -0.83 -13.53 -24.51
N VAL A 222 -1.95 -12.82 -24.43
CA VAL A 222 -3.18 -13.20 -25.20
C VAL A 222 -3.52 -12.02 -26.09
N LYS A 223 -4.42 -12.21 -27.04
CA LYS A 223 -4.75 -11.13 -28.01
C LYS A 223 -5.74 -10.13 -27.40
N GLU A 224 -6.55 -10.57 -26.47
CA GLU A 224 -7.67 -9.74 -25.98
C GLU A 224 -8.12 -10.23 -24.61
N LEU A 225 -8.44 -9.28 -23.75
CA LEU A 225 -8.95 -9.60 -22.41
C LEU A 225 -10.37 -9.06 -22.30
N LYS A 226 -11.14 -9.64 -21.40
CA LYS A 226 -12.58 -9.31 -21.22
C LYS A 226 -12.83 -8.93 -19.77
N GLY A 227 -13.72 -7.97 -19.56
CA GLY A 227 -14.07 -7.54 -18.20
C GLY A 227 -14.50 -8.70 -17.34
N ALA A 228 -14.20 -8.64 -16.04
CA ALA A 228 -14.48 -9.75 -15.12
C ALA A 228 -14.83 -9.18 -13.75
N GLU A 229 -15.44 -10.02 -12.96
CA GLU A 229 -15.79 -9.68 -11.56
C GLU A 229 -14.65 -10.17 -10.68
N HIS A 230 -14.26 -9.33 -9.71
CA HIS A 230 -13.12 -9.65 -8.82
C HIS A 230 -13.41 -9.19 -7.40
N ASN A 231 -13.08 -10.04 -6.46
CA ASN A 231 -13.14 -9.69 -5.03
C ASN A 231 -11.73 -9.32 -4.56
N VAL A 232 -11.51 -8.06 -4.20
CA VAL A 232 -10.16 -7.57 -3.79
C VAL A 232 -9.80 -8.17 -2.42
N ILE A 233 -8.52 -8.49 -2.21
CA ILE A 233 -8.09 -9.00 -0.88
C ILE A 233 -8.23 -7.93 0.20
N PRO A 234 -8.29 -8.35 1.48
CA PRO A 234 -8.31 -7.44 2.61
C PRO A 234 -7.01 -6.65 2.72
N ASP A 235 -7.11 -5.48 3.35
CA ASP A 235 -5.95 -4.60 3.59
C ASP A 235 -5.08 -5.16 4.72
N ARG A 236 -3.97 -5.82 4.37
CA ARG A 236 -3.08 -6.40 5.39
C ARG A 236 -2.36 -5.29 6.22
N ILE A 237 -2.25 -4.08 5.69
CA ILE A 237 -1.56 -3.00 6.43
C ILE A 237 -2.55 -2.38 7.42
N GLU A 238 -3.80 -2.20 7.00
CA GLU A 238 -4.80 -1.72 7.96
C GLU A 238 -4.91 -2.75 9.10
N ALA A 239 -4.97 -4.04 8.75
CA ALA A 239 -5.10 -5.11 9.76
C ALA A 239 -3.93 -4.97 10.74
N ALA A 240 -2.73 -4.90 10.22
CA ALA A 240 -1.51 -4.77 11.03
C ALA A 240 -1.59 -3.56 11.96
N THR A 241 -2.13 -2.45 11.45
CA THR A 241 -2.26 -1.21 12.24
C THR A 241 -3.09 -1.53 13.49
N TYR A 242 -4.26 -2.16 13.33
CA TYR A 242 -5.12 -2.50 14.51
C TYR A 242 -4.45 -3.55 15.39
N MET A 243 -3.67 -4.45 14.81
CA MET A 243 -2.97 -5.45 15.65
C MET A 243 -1.95 -4.75 16.53
N VAL A 244 -1.23 -3.78 15.97
CA VAL A 244 -0.25 -3.02 16.79
C VAL A 244 -1.00 -2.22 17.87
N ALA A 245 -2.15 -1.62 17.51
CA ALA A 245 -2.95 -0.86 18.47
C ALA A 245 -3.29 -1.75 19.67
N ALA A 246 -3.65 -3.01 19.44
CA ALA A 246 -3.94 -3.95 20.54
C ALA A 246 -2.71 -4.18 21.41
N ALA A 247 -1.56 -4.43 20.79
CA ALA A 247 -0.25 -4.57 21.48
C ALA A 247 0.04 -3.32 22.32
N MET A 248 -0.07 -2.15 21.74
CA MET A 248 0.34 -0.93 22.45
C MET A 248 -0.60 -0.64 23.62
N THR A 249 -1.88 -0.96 23.50
CA THR A 249 -2.86 -0.47 24.52
C THR A 249 -3.17 -1.57 25.51
N LYS A 250 -2.46 -2.70 25.46
CA LYS A 250 -2.72 -3.86 26.34
C LYS A 250 -4.18 -4.28 26.16
N GLY A 251 -4.61 -4.28 24.92
CA GLY A 251 -6.00 -4.52 24.55
C GLY A 251 -6.20 -5.96 24.10
N ASP A 252 -7.35 -6.19 23.52
CA ASP A 252 -7.78 -7.55 23.08
C ASP A 252 -8.70 -7.31 21.90
N ILE A 253 -8.16 -7.42 20.71
CA ILE A 253 -8.90 -7.03 19.47
C ILE A 253 -8.96 -8.25 18.59
N THR A 254 -10.15 -8.48 18.03
CA THR A 254 -10.32 -9.44 16.96
C THR A 254 -10.44 -8.66 15.67
N VAL A 255 -9.48 -8.89 14.81
CA VAL A 255 -9.44 -8.28 13.48
C VAL A 255 -10.16 -9.22 12.51
N GLU A 256 -11.24 -8.76 11.92
CA GLU A 256 -12.12 -9.57 11.04
C GLU A 256 -11.91 -9.24 9.56
N ASN A 257 -12.14 -10.27 8.74
CA ASN A 257 -12.08 -10.25 7.27
C ASN A 257 -10.62 -10.01 6.86
N VAL A 258 -9.72 -10.87 7.32
CA VAL A 258 -8.25 -10.85 7.01
C VAL A 258 -7.77 -12.22 6.54
N LEU A 259 -6.58 -12.26 5.98
CA LEU A 259 -5.90 -13.48 5.52
C LEU A 259 -4.59 -13.56 6.28
N MET A 260 -4.50 -14.49 7.22
CA MET A 260 -3.34 -14.71 8.08
C MET A 260 -2.06 -14.92 7.26
N GLU A 261 -2.15 -15.58 6.10
CA GLU A 261 -0.96 -15.83 5.24
C GLU A 261 -0.29 -14.51 4.87
N HIS A 262 -1.03 -13.44 4.81
CA HIS A 262 -0.51 -12.12 4.36
C HIS A 262 0.10 -11.36 5.55
N LEU A 263 -0.08 -11.86 6.77
CA LEU A 263 0.29 -11.11 7.98
C LEU A 263 1.46 -11.79 8.71
N LYS A 264 2.12 -12.78 8.12
CA LYS A 264 3.06 -13.64 8.87
C LYS A 264 4.09 -12.87 9.69
N PRO A 265 4.87 -11.94 9.07
CA PRO A 265 5.93 -11.23 9.76
C PRO A 265 5.37 -10.38 10.89
N VAL A 266 4.17 -9.82 10.71
CA VAL A 266 3.62 -8.94 11.78
C VAL A 266 3.17 -9.79 12.95
N VAL A 267 2.52 -10.90 12.65
CA VAL A 267 2.14 -11.85 13.73
C VAL A 267 3.40 -12.30 14.47
N ALA A 268 4.46 -12.70 13.76
CA ALA A 268 5.68 -13.26 14.38
C ALA A 268 6.30 -12.22 15.32
N LYS A 269 6.42 -10.99 14.84
CA LYS A 269 7.14 -9.95 15.62
C LYS A 269 6.28 -9.49 16.80
N LEU A 270 4.96 -9.39 16.62
CA LEU A 270 4.09 -9.10 17.77
C LEU A 270 4.17 -10.21 18.82
N ARG A 271 4.14 -11.47 18.42
CA ARG A 271 4.38 -12.58 19.38
C ARG A 271 5.74 -12.42 20.05
N GLU A 272 6.79 -12.09 19.32
CA GLU A 272 8.13 -11.86 19.94
C GLU A 272 8.07 -10.72 20.96
N ALA A 273 7.21 -9.71 20.74
CA ALA A 273 7.04 -8.56 21.67
C ALA A 273 6.23 -8.96 22.90
N GLY A 274 5.55 -10.11 22.86
CA GLY A 274 4.82 -10.69 24.01
C GLY A 274 3.32 -10.76 23.78
N CYS A 275 2.82 -10.47 22.58
CA CYS A 275 1.36 -10.59 22.31
C CYS A 275 0.95 -12.06 22.28
N GLU A 276 -0.26 -12.32 22.74
CA GLU A 276 -0.91 -13.63 22.52
C GLU A 276 -1.82 -13.51 21.33
N ILE A 277 -1.50 -14.24 20.29
CA ILE A 277 -2.24 -14.12 19.01
C ILE A 277 -2.84 -15.46 18.67
N THR A 278 -4.11 -15.41 18.30
CA THR A 278 -4.91 -16.58 17.86
C THR A 278 -5.33 -16.36 16.41
N GLU A 279 -4.79 -17.19 15.54
CA GLU A 279 -5.01 -17.04 14.10
C GLU A 279 -6.20 -17.90 13.76
N MET A 280 -7.18 -17.35 13.05
CA MET A 280 -8.35 -18.14 12.62
C MET A 280 -8.47 -17.98 11.11
N ASP A 281 -9.51 -18.59 10.54
CA ASP A 281 -9.66 -18.72 9.06
C ASP A 281 -9.85 -17.32 8.47
N ASN A 282 -10.65 -16.47 9.11
CA ASN A 282 -11.04 -15.18 8.49
C ASN A 282 -10.71 -14.04 9.46
N SER A 283 -9.98 -14.31 10.54
CA SER A 283 -9.82 -13.33 11.63
C SER A 283 -8.64 -13.69 12.50
N VAL A 284 -8.12 -12.71 13.23
CA VAL A 284 -7.03 -12.94 14.18
C VAL A 284 -7.33 -12.16 15.44
N ARG A 285 -7.04 -12.77 16.56
CA ARG A 285 -7.21 -12.13 17.86
C ARG A 285 -5.83 -11.79 18.40
N VAL A 286 -5.68 -10.54 18.83
CA VAL A 286 -4.43 -10.04 19.45
C VAL A 286 -4.72 -9.54 20.86
N VAL A 287 -4.02 -10.15 21.79
CA VAL A 287 -4.03 -9.72 23.21
C VAL A 287 -2.67 -9.13 23.51
N GLY A 288 -2.64 -7.85 23.82
CA GLY A 288 -1.40 -7.14 24.12
C GLY A 288 -0.78 -7.66 25.40
N PRO A 289 0.56 -7.61 25.51
CA PRO A 289 1.21 -8.01 26.75
C PRO A 289 1.17 -6.91 27.80
N LYS A 290 1.41 -7.28 29.04
CA LYS A 290 1.46 -6.28 30.13
C LYS A 290 2.72 -5.45 29.98
N VAL A 291 3.79 -6.13 29.60
CA VAL A 291 5.10 -5.46 29.36
C VAL A 291 5.52 -5.85 27.95
N LEU A 292 5.75 -4.85 27.13
CA LEU A 292 6.25 -5.08 25.78
C LEU A 292 7.72 -5.43 25.90
N LYS A 293 8.09 -6.49 25.23
CA LYS A 293 9.49 -6.89 25.10
C LYS A 293 10.07 -6.12 23.94
N PRO A 294 11.27 -5.56 24.08
CA PRO A 294 11.87 -4.91 22.92
C PRO A 294 12.24 -5.93 21.83
N ILE A 295 12.03 -5.56 20.57
CA ILE A 295 12.34 -6.41 19.41
C ILE A 295 13.10 -5.53 18.43
N ASP A 296 13.82 -6.15 17.52
CA ASP A 296 14.37 -5.42 16.37
C ASP A 296 13.50 -5.70 15.16
N ILE A 297 13.44 -4.74 14.24
CA ILE A 297 12.78 -5.05 12.97
C ILE A 297 13.68 -4.52 11.87
N LYS A 298 13.57 -5.22 10.78
CA LYS A 298 14.29 -4.89 9.56
C LYS A 298 13.33 -4.98 8.41
N THR A 299 13.08 -3.88 7.73
CA THR A 299 12.08 -3.92 6.66
C THR A 299 12.70 -4.57 5.44
N LEU A 300 11.94 -5.43 4.74
CA LEU A 300 12.43 -6.17 3.57
C LEU A 300 11.26 -6.44 2.64
N PRO A 301 11.59 -6.81 1.39
CA PRO A 301 10.58 -7.32 0.48
C PRO A 301 9.80 -8.44 1.13
N HIS A 302 8.51 -8.53 0.84
CA HIS A 302 7.65 -9.65 1.31
C HIS A 302 8.33 -10.97 0.97
N PRO A 303 8.33 -11.98 1.89
CA PRO A 303 7.58 -11.93 3.16
C PRO A 303 8.33 -11.47 4.40
N GLY A 304 9.32 -10.64 4.16
CA GLY A 304 9.99 -9.95 5.23
C GLY A 304 9.10 -8.86 5.80
N PHE A 305 9.57 -8.26 6.85
CA PHE A 305 8.75 -7.27 7.59
C PHE A 305 8.42 -6.09 6.70
N PRO A 306 7.14 -5.69 6.58
CA PRO A 306 6.73 -4.67 5.64
C PRO A 306 7.08 -3.25 6.11
N THR A 307 7.66 -2.49 5.21
CA THR A 307 8.01 -1.07 5.44
C THR A 307 6.74 -0.29 5.79
N ASP A 308 5.57 -0.73 5.30
CA ASP A 308 4.30 0.00 5.56
C ASP A 308 3.85 -0.20 7.02
N VAL A 309 4.54 -1.02 7.84
CA VAL A 309 4.20 -1.12 9.27
C VAL A 309 5.39 -0.68 10.13
N GLN A 310 6.42 -0.14 9.52
CA GLN A 310 7.64 0.25 10.24
C GLN A 310 7.36 1.37 11.25
N ALA A 311 6.68 2.44 10.84
CA ALA A 311 6.42 3.57 11.73
C ALA A 311 5.56 3.12 12.91
N GLN A 312 4.61 2.23 12.64
CA GLN A 312 3.67 1.79 13.70
C GLN A 312 4.42 0.91 14.70
N PHE A 313 5.26 -0.01 14.20
CA PHE A 313 6.07 -0.83 15.12
C PHE A 313 7.06 0.04 15.89
N MET A 314 7.63 1.03 15.24
CA MET A 314 8.51 1.96 15.95
C MET A 314 7.74 2.63 17.10
N ALA A 315 6.50 3.04 16.85
CA ALA A 315 5.71 3.68 17.90
C ALA A 315 5.56 2.71 19.08
N MET A 316 5.23 1.45 18.83
CA MET A 316 5.10 0.42 19.89
C MET A 316 6.41 0.34 20.69
N LEU A 317 7.53 0.40 19.99
CA LEU A 317 8.87 0.24 20.60
C LEU A 317 9.19 1.44 21.50
N THR A 318 8.57 2.60 21.33
CA THR A 318 8.95 3.78 22.14
C THR A 318 8.66 3.50 23.62
N VAL A 319 7.78 2.56 23.94
CA VAL A 319 7.48 2.26 25.37
C VAL A 319 7.81 0.82 25.72
N ALA A 320 8.59 0.16 24.90
CA ALA A 320 9.01 -1.21 25.20
C ALA A 320 10.04 -1.19 26.34
N ASN A 321 10.25 -2.35 26.93
CA ASN A 321 11.09 -2.49 28.14
C ASN A 321 12.57 -2.69 27.74
N GLY A 322 13.15 -1.73 27.05
CA GLY A 322 14.57 -1.82 26.62
C GLY A 322 14.79 -1.19 25.27
N THR A 323 15.78 -1.68 24.57
CA THR A 323 16.31 -1.05 23.35
C THR A 323 15.92 -1.91 22.14
N GLY A 324 15.24 -1.27 21.20
CA GLY A 324 14.92 -1.90 19.92
C GLY A 324 15.60 -1.15 18.80
N VAL A 325 15.97 -1.88 17.76
CA VAL A 325 16.59 -1.25 16.57
C VAL A 325 15.68 -1.46 15.38
N VAL A 326 15.42 -0.37 14.68
CA VAL A 326 14.60 -0.40 13.45
C VAL A 326 15.50 -0.08 12.29
N ILE A 327 15.60 -1.02 11.36
CA ILE A 327 16.37 -0.80 10.09
C ILE A 327 15.41 -0.82 8.90
N GLU A 328 15.50 0.27 8.16
CA GLU A 328 14.67 0.50 6.97
C GLU A 328 15.57 0.24 5.77
N THR A 329 15.39 -0.91 5.10
CA THR A 329 16.17 -1.27 3.90
C THR A 329 15.39 -0.94 2.63
N VAL A 330 14.08 -0.66 2.70
CA VAL A 330 13.27 -0.58 1.46
C VAL A 330 13.20 0.86 0.98
N PHE A 331 13.01 1.82 1.88
CA PHE A 331 12.92 3.25 1.49
C PHE A 331 14.12 4.03 2.06
N GLU A 332 14.52 5.16 1.47
CA GLU A 332 15.75 5.86 1.96
C GLU A 332 15.43 6.70 3.19
N ASN A 333 14.47 7.62 3.03
CA ASN A 333 14.08 8.59 4.05
C ASN A 333 12.71 8.20 4.63
N ARG A 334 12.58 7.06 5.30
CA ARG A 334 11.24 6.78 5.90
C ARG A 334 11.36 6.92 7.43
N PHE A 335 12.02 7.99 7.89
CA PHE A 335 12.14 8.30 9.33
C PHE A 335 11.58 9.69 9.66
N MET A 336 10.86 10.33 8.75
CA MET A 336 10.49 11.74 9.00
C MET A 336 9.63 11.84 10.26
N HIS A 337 8.94 10.78 10.63
CA HIS A 337 8.08 10.74 11.83
C HIS A 337 8.88 10.77 13.13
N VAL A 338 10.17 10.46 13.10
CA VAL A 338 10.93 10.31 14.37
C VAL A 338 10.86 11.62 15.19
N ALA A 339 11.01 12.77 14.56
CA ALA A 339 11.03 14.05 15.28
C ALA A 339 9.66 14.29 15.95
N GLU A 340 8.59 13.73 15.37
CA GLU A 340 7.22 13.90 15.95
C GLU A 340 7.09 12.93 17.13
N PHE A 341 7.61 11.71 17.01
CA PHE A 341 7.61 10.76 18.15
C PHE A 341 8.40 11.39 19.30
N ASN A 342 9.50 12.06 18.97
CA ASN A 342 10.38 12.66 20.01
C ASN A 342 9.64 13.82 20.70
N ARG A 343 8.82 14.56 19.99
CA ARG A 343 8.00 15.62 20.63
C ARG A 343 7.09 15.01 21.70
N MET A 344 6.67 13.76 21.55
CA MET A 344 5.79 13.08 22.52
C MET A 344 6.60 12.38 23.62
N GLY A 345 7.93 12.59 23.68
CA GLY A 345 8.77 12.09 24.78
C GLY A 345 9.46 10.78 24.45
N ALA A 346 9.45 10.33 23.19
CA ALA A 346 10.23 9.14 22.83
C ALA A 346 11.73 9.43 22.91
N ASN A 347 12.50 8.37 22.84
CA ASN A 347 13.98 8.44 22.86
C ASN A 347 14.48 7.66 21.68
N ILE A 348 14.54 8.34 20.56
CA ILE A 348 14.90 7.73 19.28
C ILE A 348 16.07 8.49 18.66
N LYS A 349 17.10 7.74 18.29
CA LYS A 349 18.27 8.33 17.63
C LYS A 349 18.48 7.63 16.29
N ILE A 350 18.67 8.38 15.23
CA ILE A 350 18.85 7.74 13.91
C ILE A 350 20.26 8.01 13.40
N ASP A 351 20.76 7.04 12.68
CA ASP A 351 21.93 7.26 11.80
C ASP A 351 21.81 6.33 10.61
N GLY A 352 21.87 6.89 9.41
CA GLY A 352 21.74 6.09 8.19
C GLY A 352 20.35 5.48 8.13
N ARG A 353 20.28 4.19 7.93
CA ARG A 353 18.97 3.52 7.77
C ARG A 353 18.56 2.91 9.11
N SER A 354 19.22 3.26 10.19
CA SER A 354 18.85 2.63 11.46
C SER A 354 18.43 3.66 12.49
N ALA A 355 17.42 3.26 13.27
CA ALA A 355 16.89 4.06 14.37
C ALA A 355 16.98 3.21 15.63
N VAL A 356 17.61 3.78 16.63
CA VAL A 356 17.74 3.11 17.94
C VAL A 356 16.66 3.66 18.86
N VAL A 357 15.76 2.80 19.29
CA VAL A 357 14.62 3.22 20.13
C VAL A 357 14.93 2.75 21.56
N ASN A 358 15.08 3.68 22.47
CA ASN A 358 15.33 3.37 23.89
C ASN A 358 14.00 3.56 24.62
N GLY A 359 13.34 2.49 25.03
CA GLY A 359 12.00 2.54 25.61
C GLY A 359 11.90 3.51 26.78
N VAL A 360 10.80 4.25 26.84
CA VAL A 360 10.52 5.21 27.94
C VAL A 360 9.34 4.70 28.72
N ASP A 361 9.12 5.31 29.89
CA ASP A 361 8.06 4.90 30.84
C ASP A 361 6.71 5.15 30.17
N GLU A 362 6.51 6.35 29.64
CA GLU A 362 5.27 6.62 28.87
C GLU A 362 5.49 7.84 27.97
N LEU A 363 4.63 7.96 26.97
CA LEU A 363 4.59 9.13 26.10
C LEU A 363 3.67 10.15 26.72
N HIS A 364 3.80 11.38 26.26
CA HIS A 364 3.07 12.55 26.76
C HIS A 364 2.44 13.22 25.56
N GLY A 365 1.14 13.52 25.65
CA GLY A 365 0.45 14.14 24.52
C GLY A 365 1.10 15.42 24.05
N ALA A 366 1.10 15.66 22.75
CA ALA A 366 1.67 16.88 22.19
C ALA A 366 0.99 17.19 20.85
N ALA A 367 1.16 18.41 20.35
CA ALA A 367 0.82 18.75 18.96
C ALA A 367 1.91 18.20 18.04
N VAL A 368 1.45 17.42 17.06
CA VAL A 368 2.29 16.65 16.11
C VAL A 368 1.64 16.75 14.73
N ASN A 369 2.45 16.52 13.72
CA ASN A 369 1.99 16.51 12.31
C ASN A 369 2.20 15.14 11.68
N ALA A 370 1.20 14.63 11.00
CA ALA A 370 1.41 13.47 10.12
C ALA A 370 2.32 13.88 8.96
N THR A 371 3.30 13.03 8.66
CA THR A 371 4.28 13.27 7.58
C THR A 371 3.95 12.41 6.36
N ASP A 372 3.18 11.36 6.55
CA ASP A 372 2.83 10.38 5.49
C ASP A 372 1.74 9.48 6.06
N LEU A 373 1.19 8.61 5.23
CA LEU A 373 0.03 7.78 5.56
C LEU A 373 0.36 6.95 6.80
N ARG A 374 1.44 6.18 6.78
CA ARG A 374 1.59 5.17 7.83
C ARG A 374 2.09 5.81 9.13
N ALA A 375 2.93 6.82 9.03
CA ALA A 375 3.40 7.56 10.21
C ALA A 375 2.23 8.26 10.86
N GLY A 376 1.29 8.77 10.09
CA GLY A 376 0.15 9.45 10.72
C GLY A 376 -0.67 8.47 11.54
N ALA A 377 -0.91 7.29 11.00
CA ALA A 377 -1.58 6.24 11.78
C ALA A 377 -0.75 5.93 13.04
N ALA A 378 0.56 5.87 12.91
CA ALA A 378 1.43 5.61 14.08
C ALA A 378 1.23 6.69 15.14
N LEU A 379 1.02 7.96 14.74
CA LEU A 379 0.83 9.04 15.75
C LEU A 379 -0.51 8.87 16.45
N ILE A 380 -1.49 8.31 15.76
CA ILE A 380 -2.78 8.00 16.43
C ILE A 380 -2.50 6.96 17.51
N LEU A 381 -1.71 5.94 17.20
CA LEU A 381 -1.41 4.85 18.18
C LEU A 381 -0.65 5.42 19.39
N CYS A 382 0.31 6.28 19.12
CA CYS A 382 0.99 7.04 20.21
C CYS A 382 -0.04 7.79 21.04
N GLY A 383 -0.97 8.47 20.36
CA GLY A 383 -1.96 9.31 21.05
C GLY A 383 -2.83 8.49 21.97
N LEU A 384 -3.09 7.24 21.61
CA LEU A 384 -3.95 6.35 22.44
C LEU A 384 -3.27 6.02 23.77
N ILE A 385 -1.94 6.08 23.83
CA ILE A 385 -1.24 5.66 25.08
C ILE A 385 -0.58 6.86 25.74
N ALA A 386 -0.52 8.00 25.08
CA ALA A 386 0.20 9.19 25.61
C ALA A 386 -0.65 9.86 26.67
N GLU A 387 0.01 10.23 27.76
CA GLU A 387 -0.66 10.90 28.89
C GLU A 387 -1.27 12.20 28.40
N GLY A 388 -2.54 12.45 28.72
CA GLY A 388 -3.17 13.72 28.32
C GLY A 388 -3.83 13.61 26.95
N GLU A 389 -3.52 14.53 26.07
CA GLU A 389 -4.21 14.64 24.77
C GLU A 389 -3.16 14.94 23.69
N THR A 390 -3.37 14.37 22.53
CA THR A 390 -2.51 14.55 21.35
C THR A 390 -3.33 15.22 20.24
N GLN A 391 -2.76 16.21 19.59
CA GLN A 391 -3.44 16.86 18.46
C GLN A 391 -2.61 16.65 17.21
N ILE A 392 -3.17 15.92 16.24
CA ILE A 392 -2.44 15.56 15.01
C ILE A 392 -2.92 16.44 13.85
N GLY A 393 -1.97 17.07 13.18
CA GLY A 393 -2.27 17.90 12.01
C GLY A 393 -1.86 17.23 10.74
N GLU A 394 -2.13 17.90 9.61
CA GLU A 394 -1.85 17.39 8.25
C GLU A 394 -2.52 16.02 8.08
N ILE A 395 -3.79 15.92 8.46
CA ILE A 395 -4.51 14.62 8.58
C ILE A 395 -4.94 14.05 7.23
N TYR A 396 -4.86 14.82 6.14
CA TYR A 396 -5.14 14.27 4.80
C TYR A 396 -4.23 13.05 4.56
N HIS A 397 -3.00 13.05 5.06
CA HIS A 397 -2.10 11.87 4.91
C HIS A 397 -2.82 10.60 5.35
N ILE A 398 -3.50 10.65 6.50
CA ILE A 398 -4.15 9.47 7.12
C ILE A 398 -5.42 9.12 6.36
N GLN A 399 -6.22 10.14 6.13
CA GLN A 399 -7.59 9.97 5.60
C GLN A 399 -7.57 9.41 4.20
N ARG A 400 -6.50 9.67 3.45
CA ARG A 400 -6.40 9.13 2.08
C ARG A 400 -6.26 7.61 2.08
N GLY A 401 -5.76 6.96 3.15
CA GLY A 401 -5.47 5.50 3.07
C GLY A 401 -6.12 4.65 4.15
N TYR A 402 -6.85 5.23 5.07
CA TYR A 402 -7.56 4.48 6.14
C TYR A 402 -9.04 4.85 6.06
N VAL A 403 -9.87 3.83 6.00
CA VAL A 403 -11.33 4.03 6.11
C VAL A 403 -11.71 4.26 7.58
N ASP A 404 -12.29 5.43 7.87
CA ASP A 404 -12.99 5.76 9.15
C ASP A 404 -12.17 5.30 10.36
N ILE A 405 -10.91 5.68 10.43
CA ILE A 405 -10.06 5.24 11.58
C ILE A 405 -10.70 5.76 12.86
N ASP A 406 -11.35 6.94 12.83
CA ASP A 406 -12.00 7.50 14.05
C ASP A 406 -13.12 6.59 14.50
N LYS A 407 -13.96 6.12 13.56
CA LYS A 407 -15.12 5.29 13.96
C LYS A 407 -14.70 3.90 14.42
N LYS A 408 -13.70 3.33 13.76
CA LYS A 408 -13.19 1.99 14.09
C LYS A 408 -12.58 2.01 15.48
N ILE A 409 -11.75 3.01 15.77
CA ILE A 409 -11.08 3.08 17.08
C ILE A 409 -12.14 3.42 18.13
N THR A 410 -13.05 4.34 17.82
CA THR A 410 -14.17 4.62 18.74
C THR A 410 -14.94 3.33 19.07
N ALA A 411 -15.27 2.49 18.09
CA ALA A 411 -15.99 1.25 18.38
C ALA A 411 -15.16 0.30 19.23
N LEU A 412 -13.83 0.43 19.26
CA LEU A 412 -12.97 -0.43 20.12
C LEU A 412 -12.75 0.19 21.51
N GLY A 413 -13.35 1.33 21.80
CA GLY A 413 -13.30 1.96 23.14
C GLY A 413 -12.35 3.14 23.21
N GLY A 414 -11.68 3.51 22.10
CA GLY A 414 -10.69 4.58 22.16
C GLY A 414 -11.34 5.93 22.10
N GLN A 415 -10.60 6.96 22.51
CA GLN A 415 -11.06 8.37 22.50
C GLN A 415 -10.37 9.11 21.35
N ILE A 416 -11.10 9.39 20.28
CA ILE A 416 -10.55 9.98 19.03
C ILE A 416 -11.65 10.75 18.35
N GLU A 417 -11.33 11.90 17.81
CA GLU A 417 -12.33 12.71 17.10
C GLU A 417 -11.60 13.47 16.00
N ILE A 418 -12.18 13.49 14.80
CA ILE A 418 -11.73 14.40 13.70
C ILE A 418 -12.46 15.74 13.85
N VAL A 419 -11.74 16.85 13.92
CA VAL A 419 -12.34 18.21 14.02
C VAL A 419 -11.93 19.05 12.80
N GLU A 420 -12.86 19.82 12.26
CA GLU A 420 -12.70 20.62 11.01
C GLU A 420 -12.63 22.12 11.36
#